data_8XVO
#
_entry.id   8XVO
#
_cell.length_a   58.359
_cell.length_b   69.548
_cell.length_c   77.169
_cell.angle_alpha   90.00
_cell.angle_beta   90.00
_cell.angle_gamma   90.00
#
_symmetry.space_group_name_H-M   'P 21 21 21'
#
loop_
_entity.id
_entity.type
_entity.pdbx_description
1 polymer 'short-chain dehydrogenase/reductase 16'
2 non-polymer GLYCEROL
3 water water
#
_entity_poly.entity_id   1
_entity_poly.type   'polypeptide(L)'
_entity_poly.pdbx_seq_one_letter_code
;MAHYSLSSSAPRSRSIMSSLSITLNDGSKIPWLGFGTGTALYTKDAEQDVLRAIANGIVHLDGAQVYGNEDSLGAAIAAS
GKPRQSLYVTTKLAAVPAGQNVRDTLVTSLKKLKLQYVDLFLIHTPEQHQGNLKSVWKQVEELQKEGLAKSIGVSNFRVQ
DLEEILDGASVVPAVNQIEYHPYVFKADQPVIEYMKKKNIVPTSYGGLTPIVRFKGGPVDPVLASIASRVGTTAGQSVSE
GQVLQLWLRAKGIPAITTSSKEERIKEYLATETLPGLTPAEVQAIDEAGSKAHHRVFSKFWDE
;
_entity_poly.pdbx_strand_id   A
#
loop_
_chem_comp.id
_chem_comp.type
_chem_comp.name
_chem_comp.formula
GOL non-polymer GLYCEROL 'C3 H8 O3'
#
# COMPACT_ATOMS: atom_id res chain seq x y z
N SER A 13 -14.02 19.09 -1.52
CA SER A 13 -13.25 18.19 -2.39
C SER A 13 -12.38 17.25 -1.55
N ARG A 14 -12.20 16.02 -2.03
CA ARG A 14 -11.47 15.02 -1.26
C ARG A 14 -10.01 15.42 -1.10
N SER A 15 -9.49 15.24 0.12
CA SER A 15 -8.08 15.48 0.40
C SER A 15 -7.66 14.52 1.49
N ILE A 16 -6.36 14.55 1.82
CA ILE A 16 -5.87 13.75 2.94
C ILE A 16 -6.67 14.09 4.20
N MET A 17 -6.87 15.39 4.46
CA MET A 17 -7.62 15.78 5.65
C MET A 17 -9.05 15.24 5.63
N SER A 18 -9.70 15.29 4.47
CA SER A 18 -11.12 14.99 4.38
C SER A 18 -11.41 13.50 4.22
N SER A 19 -10.38 12.65 4.29
CA SER A 19 -10.51 11.23 4.01
C SER A 19 -10.14 10.39 5.22
N LEU A 20 -10.64 9.15 5.23
CA LEU A 20 -10.23 8.18 6.26
C LEU A 20 -8.72 7.99 6.21
N SER A 21 -8.06 8.10 7.37
CA SER A 21 -6.61 7.97 7.41
C SER A 21 -6.17 7.16 8.62
N ILE A 22 -4.93 6.71 8.58
CA ILE A 22 -4.28 5.92 9.63
C ILE A 22 -3.08 6.73 10.12
N THR A 23 -2.93 6.83 11.44
CA THR A 23 -1.81 7.61 12.00
C THR A 23 -0.56 6.74 12.07
N LEU A 24 0.56 7.30 11.63
CA LEU A 24 1.87 6.63 11.65
C LEU A 24 2.64 7.01 12.91
N ASN A 25 3.71 6.24 13.17
CA ASN A 25 4.52 6.42 14.35
C ASN A 25 5.31 7.74 14.37
N ASP A 26 5.29 8.51 13.28
CA ASP A 26 5.92 9.83 13.26
C ASP A 26 4.91 10.96 13.31
N GLY A 27 3.64 10.64 13.57
CA GLY A 27 2.59 11.64 13.71
C GLY A 27 1.81 11.94 12.45
N SER A 28 2.31 11.59 11.26
CA SER A 28 1.58 11.96 10.07
C SER A 28 0.46 10.93 9.78
N LYS A 29 -0.44 11.32 8.88
CA LYS A 29 -1.59 10.51 8.50
C LYS A 29 -1.48 10.08 7.05
N ILE A 30 -1.64 8.78 6.80
CA ILE A 30 -1.66 8.21 5.46
C ILE A 30 -3.10 7.83 5.14
N PRO A 31 -3.63 8.22 3.97
CA PRO A 31 -5.02 7.87 3.65
C PRO A 31 -5.18 6.36 3.58
N TRP A 32 -6.28 5.86 4.12
CA TRP A 32 -6.49 4.43 4.16
C TRP A 32 -6.60 3.82 2.76
N LEU A 33 -7.26 4.50 1.83
CA LEU A 33 -7.43 3.98 0.48
C LEU A 33 -6.38 4.59 -0.46
N GLY A 34 -5.62 3.71 -1.14
CA GLY A 34 -4.63 4.17 -2.08
C GLY A 34 -4.82 3.52 -3.45
N PHE A 35 -4.15 4.09 -4.44
CA PHE A 35 -4.15 3.56 -5.80
C PHE A 35 -2.71 3.55 -6.31
N GLY A 36 -2.29 2.42 -6.89
CA GLY A 36 -0.92 2.25 -7.34
C GLY A 36 -0.84 2.08 -8.84
N THR A 37 0.18 2.68 -9.44
CA THR A 37 0.46 2.46 -10.87
C THR A 37 0.78 1.00 -11.15
N GLY A 38 1.30 0.29 -10.16
CA GLY A 38 1.62 -1.13 -10.22
C GLY A 38 2.63 -1.43 -11.31
N THR A 39 2.41 -2.55 -11.97
CA THR A 39 3.28 -3.00 -13.05
C THR A 39 2.72 -2.65 -14.42
N ALA A 40 1.97 -1.55 -14.49
CA ALA A 40 1.39 -1.08 -15.75
C ALA A 40 2.44 -0.98 -16.84
N LEU A 41 2.13 -1.61 -17.98
CA LEU A 41 3.13 -1.80 -19.04
C LEU A 41 3.40 -0.51 -19.81
N TYR A 42 2.34 0.22 -20.17
CA TYR A 42 2.48 1.43 -20.97
C TYR A 42 2.26 2.65 -20.10
N THR A 43 3.19 3.62 -20.18
CA THR A 43 3.07 4.81 -19.35
C THR A 43 1.83 5.62 -19.72
N LYS A 44 1.38 5.49 -20.98
CA LYS A 44 0.20 6.19 -21.46
C LYS A 44 -1.04 5.73 -20.70
N ASP A 45 -1.19 4.41 -20.51
CA ASP A 45 -2.26 3.87 -19.66
C ASP A 45 -2.10 4.32 -18.22
N ALA A 46 -0.87 4.26 -17.70
CA ALA A 46 -0.65 4.60 -16.30
C ALA A 46 -1.13 6.01 -15.99
N GLU A 47 -0.82 6.97 -16.87
CA GLU A 47 -1.27 8.34 -16.66
C GLU A 47 -2.78 8.42 -16.58
N GLN A 48 -3.49 7.80 -17.54
CA GLN A 48 -4.95 7.88 -17.55
C GLN A 48 -5.55 7.18 -16.33
N ASP A 49 -4.96 6.05 -15.91
CA ASP A 49 -5.44 5.36 -14.73
C ASP A 49 -5.36 6.25 -13.49
N VAL A 50 -4.23 6.95 -13.31
CA VAL A 50 -4.08 7.82 -12.15
C VAL A 50 -5.05 8.98 -12.23
N LEU A 51 -5.24 9.54 -13.44
CA LEU A 51 -6.22 10.61 -13.59
C LEU A 51 -7.60 10.16 -13.16
N ARG A 52 -7.99 8.96 -13.58
CA ARG A 52 -9.29 8.40 -13.19
C ARG A 52 -9.38 8.23 -11.68
N ALA A 53 -8.30 7.75 -11.06
CA ALA A 53 -8.29 7.54 -9.61
C ALA A 53 -8.45 8.86 -8.84
N ILE A 54 -7.69 9.89 -9.23
CA ILE A 54 -7.79 11.18 -8.56
C ILE A 54 -9.18 11.79 -8.75
N ALA A 55 -9.70 11.72 -9.99
CA ALA A 55 -10.98 12.35 -10.28
C ALA A 55 -12.12 11.70 -9.49
N ASN A 56 -12.01 10.42 -9.21
CA ASN A 56 -13.03 9.73 -8.41
C ASN A 56 -12.81 9.83 -6.91
N GLY A 57 -11.75 10.49 -6.46
CA GLY A 57 -11.61 10.83 -5.04
C GLY A 57 -10.51 10.12 -4.28
N ILE A 58 -9.69 9.29 -4.92
CA ILE A 58 -8.59 8.64 -4.22
C ILE A 58 -7.47 9.66 -4.03
N VAL A 59 -6.96 9.79 -2.80
CA VAL A 59 -5.98 10.84 -2.53
C VAL A 59 -4.65 10.26 -2.06
N HIS A 60 -4.41 8.97 -2.27
CA HIS A 60 -3.15 8.34 -1.90
C HIS A 60 -2.67 7.59 -3.15
N LEU A 61 -1.52 7.99 -3.69
CA LEU A 61 -1.00 7.48 -4.94
C LEU A 61 0.36 6.83 -4.70
N ASP A 62 0.51 5.60 -5.18
CA ASP A 62 1.65 4.75 -4.85
C ASP A 62 2.43 4.50 -6.14
N GLY A 63 3.69 4.97 -6.20
CA GLY A 63 4.55 4.73 -7.33
C GLY A 63 5.79 3.91 -6.96
N ALA A 64 6.63 3.65 -7.97
CA ALA A 64 7.85 2.90 -7.75
C ALA A 64 8.88 3.30 -8.80
N GLN A 65 10.15 3.28 -8.41
CA GLN A 65 11.21 3.54 -9.39
C GLN A 65 11.26 2.45 -10.45
N VAL A 66 11.14 1.18 -10.04
CA VAL A 66 11.60 0.06 -10.87
C VAL A 66 10.73 -0.13 -12.12
N TYR A 67 9.45 0.23 -12.08
CA TYR A 67 8.57 0.00 -13.22
C TYR A 67 8.43 1.19 -14.14
N GLY A 68 9.15 2.29 -13.87
CA GLY A 68 9.22 3.43 -14.77
C GLY A 68 7.95 4.25 -14.90
N ASN A 69 7.04 4.21 -13.92
CA ASN A 69 5.80 4.96 -14.05
C ASN A 69 5.76 6.24 -13.23
N GLU A 70 6.90 6.71 -12.73
CA GLU A 70 6.87 7.96 -11.95
C GLU A 70 6.55 9.16 -12.83
N ASP A 71 7.03 9.15 -14.07
CA ASP A 71 6.75 10.25 -14.99
C ASP A 71 5.26 10.40 -15.23
N SER A 72 4.56 9.29 -15.47
CA SER A 72 3.13 9.36 -15.73
C SER A 72 2.37 9.73 -14.45
N LEU A 73 2.82 9.26 -13.29
CA LEU A 73 2.18 9.67 -12.04
C LEU A 73 2.34 11.18 -11.83
N GLY A 74 3.54 11.72 -12.10
CA GLY A 74 3.72 13.15 -11.99
C GLY A 74 2.91 13.94 -13.00
N ALA A 75 2.84 13.45 -14.25
CA ALA A 75 2.05 14.14 -15.26
C ALA A 75 0.57 14.15 -14.89
N ALA A 76 0.06 13.03 -14.36
CA ALA A 76 -1.34 12.95 -13.96
C ALA A 76 -1.64 13.90 -12.81
N ILE A 77 -0.74 14.00 -11.83
CA ILE A 77 -0.97 14.93 -10.73
C ILE A 77 -1.09 16.35 -11.28
N ALA A 78 -0.15 16.75 -12.14
CA ALA A 78 -0.20 18.08 -12.75
C ALA A 78 -1.48 18.30 -13.55
N ALA A 79 -1.89 17.30 -14.33
CA ALA A 79 -3.05 17.41 -15.22
C ALA A 79 -4.40 17.29 -14.52
N SER A 80 -4.45 16.75 -13.30
CA SER A 80 -5.73 16.56 -12.61
C SER A 80 -6.34 17.87 -12.16
N GLY A 81 -5.54 18.92 -12.04
CA GLY A 81 -5.98 20.16 -11.43
C GLY A 81 -6.10 20.14 -9.91
N LYS A 82 -5.84 18.99 -9.26
CA LYS A 82 -5.98 18.92 -7.79
C LYS A 82 -4.70 19.40 -7.13
N PRO A 83 -4.78 20.22 -6.07
CA PRO A 83 -3.56 20.71 -5.41
C PRO A 83 -2.71 19.56 -4.90
N ARG A 84 -1.39 19.63 -5.13
CA ARG A 84 -0.53 18.53 -4.71
C ARG A 84 -0.63 18.29 -3.20
N GLN A 85 -0.87 19.35 -2.43
CA GLN A 85 -0.96 19.26 -0.97
C GLN A 85 -2.20 18.50 -0.51
N SER A 86 -3.18 18.27 -1.38
CA SER A 86 -4.32 17.42 -1.07
C SER A 86 -3.97 15.92 -1.17
N LEU A 87 -2.83 15.56 -1.74
CA LEU A 87 -2.51 14.19 -2.14
C LEU A 87 -1.32 13.65 -1.34
N TYR A 88 -1.34 12.33 -1.12
CA TYR A 88 -0.26 11.61 -0.46
C TYR A 88 0.46 10.80 -1.53
N VAL A 89 1.75 11.07 -1.74
CA VAL A 89 2.51 10.41 -2.81
C VAL A 89 3.61 9.56 -2.19
N THR A 90 3.62 8.28 -2.55
CA THR A 90 4.64 7.30 -2.16
C THR A 90 5.46 6.91 -3.39
N THR A 91 6.78 6.76 -3.22
CA THR A 91 7.56 6.03 -4.22
C THR A 91 8.56 5.14 -3.49
N LYS A 92 9.26 4.30 -4.26
CA LYS A 92 10.01 3.19 -3.68
C LYS A 92 11.37 3.01 -4.34
N LEU A 93 12.39 2.91 -3.51
CA LEU A 93 13.77 2.70 -3.97
C LEU A 93 13.92 1.35 -4.67
N ALA A 94 14.42 1.36 -5.91
CA ALA A 94 14.76 0.11 -6.57
C ALA A 94 16.21 -0.25 -6.23
N ALA A 95 16.94 -0.84 -7.17
CA ALA A 95 18.37 -1.03 -6.98
C ALA A 95 19.10 0.30 -7.21
N VAL A 96 20.19 0.50 -6.49
CA VAL A 96 21.02 1.70 -6.64
C VAL A 96 21.90 1.51 -7.86
N PRO A 97 21.81 2.36 -8.88
CA PRO A 97 22.69 2.25 -10.04
C PRO A 97 24.16 2.42 -9.66
N ALA A 98 25.04 1.74 -10.40
CA ALA A 98 26.47 1.82 -10.12
C ALA A 98 26.94 3.26 -10.21
N GLY A 99 27.76 3.67 -9.24
CA GLY A 99 28.27 5.03 -9.18
C GLY A 99 27.34 6.03 -8.50
N GLN A 100 26.20 5.58 -8.02
CA GLN A 100 25.23 6.45 -7.37
C GLN A 100 25.02 6.02 -5.93
N ASN A 101 24.31 6.85 -5.17
CA ASN A 101 23.85 6.50 -3.84
C ASN A 101 22.32 6.61 -3.78
N VAL A 102 21.77 6.35 -2.59
CA VAL A 102 20.32 6.37 -2.43
C VAL A 102 19.77 7.76 -2.74
N ARG A 103 20.40 8.81 -2.19
CA ARG A 103 19.95 10.17 -2.44
C ARG A 103 19.81 10.45 -3.92
N ASP A 104 20.78 9.98 -4.72
CA ASP A 104 20.71 10.17 -6.17
C ASP A 104 19.41 9.62 -6.76
N THR A 105 18.98 8.45 -6.32
CA THR A 105 17.75 7.88 -6.88
C THR A 105 16.53 8.72 -6.51
N LEU A 106 16.48 9.23 -5.27
CA LEU A 106 15.32 10.03 -4.86
C LEU A 106 15.28 11.37 -5.60
N VAL A 107 16.43 12.02 -5.81
CA VAL A 107 16.45 13.23 -6.62
C VAL A 107 15.88 12.94 -8.02
N THR A 108 16.31 11.83 -8.64
CA THR A 108 15.76 11.45 -9.94
C THR A 108 14.25 11.21 -9.87
N SER A 109 13.77 10.50 -8.83
CA SER A 109 12.33 10.29 -8.68
C SER A 109 11.58 11.61 -8.59
N LEU A 110 12.07 12.53 -7.75
CA LEU A 110 11.38 13.80 -7.53
C LEU A 110 11.32 14.64 -8.80
N LYS A 111 12.36 14.57 -9.65
CA LYS A 111 12.30 15.27 -10.92
C LYS A 111 11.22 14.68 -11.82
N LYS A 112 11.14 13.35 -11.90
CA LYS A 112 10.09 12.73 -12.70
C LYS A 112 8.71 13.00 -12.12
N LEU A 113 8.58 12.96 -10.80
CA LEU A 113 7.29 13.22 -10.16
C LEU A 113 6.93 14.70 -10.19
N LYS A 114 7.91 15.57 -10.47
CA LYS A 114 7.73 17.03 -10.44
C LYS A 114 7.32 17.51 -9.03
N LEU A 115 7.99 16.97 -8.01
CA LEU A 115 7.69 17.28 -6.62
C LEU A 115 8.94 17.73 -5.90
N GLN A 116 8.73 18.48 -4.82
CA GLN A 116 9.84 18.85 -3.93
C GLN A 116 10.11 17.81 -2.85
N TYR A 117 9.12 17.00 -2.49
CA TYR A 117 9.30 15.91 -1.54
C TYR A 117 8.21 14.88 -1.80
N VAL A 118 8.46 13.65 -1.39
CA VAL A 118 7.44 12.61 -1.39
C VAL A 118 6.91 12.51 0.02
N ASP A 119 5.65 12.12 0.16
CA ASP A 119 5.12 11.88 1.50
C ASP A 119 5.78 10.65 2.13
N LEU A 120 6.16 9.68 1.32
CA LEU A 120 6.64 8.40 1.85
C LEU A 120 7.63 7.80 0.86
N PHE A 121 8.78 7.38 1.38
CA PHE A 121 9.82 6.74 0.58
C PHE A 121 10.13 5.39 1.21
N LEU A 122 9.99 4.31 0.42
CA LEU A 122 10.13 2.94 0.90
C LEU A 122 11.29 2.24 0.21
N ILE A 123 11.98 1.37 0.94
CA ILE A 123 12.85 0.39 0.29
C ILE A 123 11.96 -0.68 -0.33
N HIS A 124 12.07 -0.86 -1.65
CA HIS A 124 11.08 -1.69 -2.34
C HIS A 124 11.22 -3.17 -1.96
N THR A 125 12.44 -3.67 -1.81
CA THR A 125 12.57 -5.07 -1.40
C THR A 125 13.95 -5.31 -0.82
N PRO A 126 14.08 -6.08 0.25
CA PRO A 126 15.42 -6.35 0.79
C PRO A 126 16.29 -7.15 -0.17
N GLU A 127 15.70 -7.88 -1.13
CA GLU A 127 16.47 -8.68 -2.07
C GLU A 127 17.38 -7.84 -2.98
N GLN A 128 17.16 -6.52 -3.06
CA GLN A 128 17.98 -5.68 -3.92
C GLN A 128 19.12 -5.01 -3.17
N HIS A 129 19.29 -5.32 -1.90
CA HIS A 129 20.25 -4.63 -1.04
C HIS A 129 20.93 -5.62 -0.10
N GLN A 130 21.18 -6.84 -0.58
CA GLN A 130 21.72 -7.90 0.25
C GLN A 130 23.12 -7.52 0.75
N GLY A 131 23.31 -7.63 2.07
CA GLY A 131 24.55 -7.21 2.68
C GLY A 131 24.68 -5.73 2.92
N ASN A 132 23.71 -4.91 2.50
CA ASN A 132 23.79 -3.45 2.62
C ASN A 132 22.55 -2.84 3.27
N LEU A 133 21.74 -3.65 3.96
CA LEU A 133 20.46 -3.16 4.46
C LEU A 133 20.66 -2.05 5.48
N LYS A 134 21.57 -2.24 6.43
CA LYS A 134 21.83 -1.22 7.44
C LYS A 134 22.31 0.08 6.81
N SER A 135 23.22 -0.02 5.83
CA SER A 135 23.71 1.17 5.12
C SER A 135 22.59 1.87 4.37
N VAL A 136 21.76 1.12 3.65
CA VAL A 136 20.69 1.74 2.88
C VAL A 136 19.69 2.45 3.79
N TRP A 137 19.32 1.81 4.90
CA TRP A 137 18.36 2.43 5.81
C TRP A 137 18.91 3.71 6.42
N LYS A 138 20.20 3.72 6.80
CA LYS A 138 20.80 4.96 7.30
C LYS A 138 20.70 6.06 6.27
N GLN A 139 20.95 5.73 5.00
CA GLN A 139 20.81 6.72 3.92
C GLN A 139 19.39 7.23 3.82
N VAL A 140 18.40 6.35 3.96
CA VAL A 140 17.01 6.79 3.92
C VAL A 140 16.68 7.68 5.12
N GLU A 141 17.22 7.36 6.30
CA GLU A 141 17.03 8.23 7.47
C GLU A 141 17.56 9.64 7.22
N GLU A 142 18.70 9.75 6.53
CA GLU A 142 19.25 11.06 6.22
C GLU A 142 18.38 11.81 5.23
N LEU A 143 17.71 11.09 4.31
CA LEU A 143 16.85 11.76 3.36
C LEU A 143 15.62 12.36 4.03
N GLN A 144 15.17 11.77 5.15
CA GLN A 144 14.10 12.37 5.93
C GLN A 144 14.59 13.63 6.65
N LYS A 145 15.80 13.60 7.21
CA LYS A 145 16.36 14.81 7.83
C LYS A 145 16.53 15.93 6.80
N GLU A 146 16.85 15.58 5.56
CA GLU A 146 17.11 16.56 4.52
C GLU A 146 15.83 17.23 4.01
N GLY A 147 14.67 16.67 4.31
CA GLY A 147 13.41 17.22 3.83
C GLY A 147 12.90 16.69 2.51
N LEU A 148 13.52 15.64 1.95
CA LEU A 148 13.12 15.08 0.66
C LEU A 148 12.05 14.00 0.79
N ALA A 149 11.91 13.40 1.96
CA ALA A 149 10.90 12.37 2.22
C ALA A 149 10.32 12.65 3.59
N LYS A 150 9.01 12.93 3.64
CA LYS A 150 8.37 13.27 4.91
C LYS A 150 8.41 12.10 5.88
N SER A 151 8.02 10.91 5.41
CA SER A 151 8.06 9.69 6.21
C SER A 151 8.83 8.62 5.43
N ILE A 152 9.36 7.64 6.16
CA ILE A 152 10.20 6.61 5.55
C ILE A 152 9.78 5.24 6.03
N GLY A 153 9.91 4.25 5.16
CA GLY A 153 9.53 2.90 5.50
C GLY A 153 10.15 1.86 4.57
N VAL A 154 9.57 0.67 4.57
CA VAL A 154 10.09 -0.47 3.82
C VAL A 154 8.93 -1.21 3.16
N SER A 155 9.29 -2.18 2.32
CA SER A 155 8.33 -3.00 1.60
C SER A 155 8.88 -4.41 1.51
N ASN A 156 8.00 -5.40 1.72
CA ASN A 156 8.36 -6.82 1.59
C ASN A 156 9.46 -7.25 2.55
N PHE A 157 9.52 -6.63 3.73
CA PHE A 157 10.51 -6.97 4.75
C PHE A 157 9.97 -8.05 5.66
N ARG A 158 10.71 -9.15 5.77
CA ARG A 158 10.36 -10.19 6.73
C ARG A 158 10.80 -9.75 8.12
N VAL A 159 10.44 -10.56 9.13
CA VAL A 159 10.89 -10.26 10.49
C VAL A 159 12.41 -10.17 10.54
N GLN A 160 13.10 -11.11 9.89
CA GLN A 160 14.56 -11.11 9.83
C GLN A 160 15.09 -9.80 9.26
N ASP A 161 14.46 -9.27 8.22
CA ASP A 161 14.95 -8.07 7.57
C ASP A 161 14.76 -6.84 8.46
N LEU A 162 13.62 -6.77 9.15
CA LEU A 162 13.34 -5.66 10.06
C LEU A 162 14.32 -5.65 11.22
N GLU A 163 14.61 -6.82 11.80
CA GLU A 163 15.61 -6.91 12.86
C GLU A 163 16.95 -6.35 12.41
N GLU A 164 17.35 -6.65 11.17
CA GLU A 164 18.62 -6.17 10.64
C GLU A 164 18.68 -4.64 10.63
N ILE A 165 17.69 -3.98 10.04
CA ILE A 165 17.80 -2.53 9.91
C ILE A 165 17.52 -1.82 11.23
N LEU A 166 16.72 -2.43 12.11
CA LEU A 166 16.41 -1.80 13.39
C LEU A 166 17.60 -1.80 14.33
N ASP A 167 18.59 -2.66 14.10
CA ASP A 167 19.77 -2.71 14.96
C ASP A 167 20.59 -1.44 14.74
N GLY A 168 20.61 -0.57 15.76
CA GLY A 168 21.33 0.68 15.65
C GLY A 168 20.68 1.74 14.79
N ALA A 169 19.38 1.66 14.58
CA ALA A 169 18.66 2.64 13.77
C ALA A 169 18.23 3.83 14.63
N SER A 170 18.17 5.00 14.02
CA SER A 170 17.61 6.14 14.72
C SER A 170 16.12 6.31 14.46
N VAL A 171 15.60 5.74 13.36
CA VAL A 171 14.19 5.85 13.00
C VAL A 171 13.64 4.44 12.79
N VAL A 172 12.48 4.17 13.37
CA VAL A 172 11.73 2.94 13.09
C VAL A 172 10.89 3.17 11.84
N PRO A 173 10.93 2.27 10.86
CA PRO A 173 10.13 2.47 9.64
C PRO A 173 8.65 2.72 9.96
N ALA A 174 8.07 3.70 9.28
CA ALA A 174 6.69 4.06 9.54
C ALA A 174 5.74 3.00 9.01
N VAL A 175 6.10 2.34 7.89
CA VAL A 175 5.25 1.31 7.29
C VAL A 175 6.14 0.22 6.73
N ASN A 176 5.51 -0.96 6.54
CA ASN A 176 6.05 -2.10 5.79
C ASN A 176 4.93 -2.49 4.82
N GLN A 177 5.09 -2.13 3.54
CA GLN A 177 4.09 -2.46 2.52
C GLN A 177 4.30 -3.89 2.04
N ILE A 178 3.28 -4.73 2.21
CA ILE A 178 3.42 -6.16 1.92
C ILE A 178 2.19 -6.66 1.19
N GLU A 179 2.35 -7.81 0.51
CA GLU A 179 1.19 -8.55 0.03
C GLU A 179 0.35 -8.96 1.23
N TYR A 180 -0.94 -8.59 1.22
CA TYR A 180 -1.77 -8.95 2.36
C TYR A 180 -3.21 -9.09 1.94
N HIS A 181 -3.76 -10.28 2.19
CA HIS A 181 -5.11 -10.74 1.87
C HIS A 181 -5.32 -12.03 2.66
N PRO A 182 -6.55 -12.59 2.71
CA PRO A 182 -6.78 -13.79 3.55
C PRO A 182 -5.91 -15.00 3.20
N TYR A 183 -5.40 -15.14 1.99
CA TYR A 183 -4.63 -16.33 1.66
C TYR A 183 -3.13 -16.22 1.99
N VAL A 184 -2.69 -15.13 2.64
CA VAL A 184 -1.40 -15.10 3.31
C VAL A 184 -1.54 -14.74 4.78
N PHE A 185 -2.77 -14.73 5.30
CA PHE A 185 -3.00 -14.37 6.70
C PHE A 185 -2.24 -15.28 7.65
N LYS A 186 -2.36 -16.59 7.46
CA LYS A 186 -1.74 -17.52 8.41
C LYS A 186 -0.22 -17.40 8.36
N ALA A 187 0.36 -17.39 7.15
CA ALA A 187 1.81 -17.32 7.03
C ALA A 187 2.39 -16.03 7.59
N ASP A 188 1.65 -14.92 7.52
CA ASP A 188 2.18 -13.62 7.92
C ASP A 188 1.95 -13.28 9.39
N GLN A 189 1.27 -14.13 10.15
CA GLN A 189 1.04 -13.81 11.57
C GLN A 189 2.30 -13.39 12.33
N PRO A 190 3.47 -14.04 12.16
CA PRO A 190 4.66 -13.56 12.91
C PRO A 190 5.06 -12.13 12.58
N VAL A 191 5.14 -11.78 11.30
CA VAL A 191 5.58 -10.43 10.97
C VAL A 191 4.52 -9.39 11.37
N ILE A 192 3.24 -9.74 11.29
CA ILE A 192 2.18 -8.84 11.75
C ILE A 192 2.33 -8.57 13.26
N GLU A 193 2.58 -9.63 14.04
CA GLU A 193 2.76 -9.45 15.48
C GLU A 193 4.00 -8.63 15.80
N TYR A 194 5.10 -8.89 15.09
CA TYR A 194 6.32 -8.12 15.30
C TYR A 194 6.08 -6.65 15.02
N MET A 195 5.45 -6.35 13.87
CA MET A 195 5.21 -4.95 13.50
C MET A 195 4.33 -4.25 14.51
N LYS A 196 3.36 -4.96 15.08
CA LYS A 196 2.49 -4.36 16.07
C LYS A 196 3.28 -3.94 17.31
N LYS A 197 4.25 -4.78 17.71
CA LYS A 197 5.08 -4.45 18.87
C LYS A 197 5.96 -3.23 18.62
N LYS A 198 6.45 -3.07 17.38
CA LYS A 198 7.30 -1.94 17.02
C LYS A 198 6.53 -0.73 16.51
N ASN A 199 5.20 -0.84 16.39
CA ASN A 199 4.34 0.21 15.84
C ASN A 199 4.69 0.55 14.39
N ILE A 200 5.02 -0.47 13.60
CA ILE A 200 5.15 -0.35 12.15
C ILE A 200 3.79 -0.68 11.54
N VAL A 201 3.20 0.28 10.81
CA VAL A 201 1.92 0.04 10.15
C VAL A 201 2.10 -0.82 8.89
N PRO A 202 1.44 -1.96 8.79
CA PRO A 202 1.41 -2.67 7.51
C PRO A 202 0.50 -1.95 6.52
N THR A 203 0.93 -1.91 5.25
CA THR A 203 0.02 -1.51 4.18
C THR A 203 -0.10 -2.67 3.18
N SER A 204 -1.29 -2.82 2.58
CA SER A 204 -1.61 -3.98 1.76
C SER A 204 -1.56 -3.68 0.27
N TYR A 205 -0.88 -4.52 -0.49
CA TYR A 205 -1.14 -4.64 -1.91
C TYR A 205 -1.61 -6.06 -2.19
N GLY A 206 -2.30 -6.24 -3.31
CA GLY A 206 -2.82 -7.56 -3.64
C GLY A 206 -4.05 -7.97 -2.86
N GLY A 207 -4.81 -6.99 -2.32
CA GLY A 207 -5.94 -7.30 -1.45
C GLY A 207 -7.06 -8.11 -2.10
N LEU A 208 -7.18 -8.07 -3.43
CA LEU A 208 -8.24 -8.81 -4.10
C LEU A 208 -7.79 -10.17 -4.64
N THR A 209 -6.54 -10.57 -4.41
CA THR A 209 -6.01 -11.85 -4.87
C THR A 209 -6.96 -13.03 -4.70
N PRO A 210 -7.60 -13.27 -3.54
CA PRO A 210 -8.48 -14.45 -3.42
C PRO A 210 -9.50 -14.59 -4.52
N ILE A 211 -10.13 -13.49 -4.97
CA ILE A 211 -11.20 -13.62 -5.95
C ILE A 211 -10.75 -13.29 -7.37
N VAL A 212 -9.58 -12.69 -7.54
CA VAL A 212 -9.07 -12.40 -8.88
C VAL A 212 -8.24 -13.55 -9.42
N ARG A 213 -7.48 -14.23 -8.56
CA ARG A 213 -6.60 -15.28 -9.00
C ARG A 213 -6.97 -16.67 -8.51
N PHE A 214 -7.77 -16.77 -7.45
CA PHE A 214 -8.06 -18.08 -6.87
C PHE A 214 -9.54 -18.20 -6.57
N LYS A 215 -10.38 -17.63 -7.44
CA LYS A 215 -11.82 -17.78 -7.30
C LYS A 215 -12.19 -19.26 -7.18
N GLY A 216 -13.07 -19.57 -6.23
CA GLY A 216 -13.42 -20.94 -5.94
C GLY A 216 -12.80 -21.50 -4.70
N GLY A 217 -11.96 -20.74 -3.99
CA GLY A 217 -11.38 -21.19 -2.75
C GLY A 217 -12.32 -21.03 -1.58
N PRO A 218 -11.82 -21.38 -0.38
CA PRO A 218 -12.70 -21.43 0.80
C PRO A 218 -13.21 -20.09 1.28
N VAL A 219 -12.60 -18.97 0.89
CA VAL A 219 -13.09 -17.69 1.42
C VAL A 219 -14.33 -17.19 0.68
N ASP A 220 -14.59 -17.68 -0.53
CA ASP A 220 -15.64 -17.09 -1.37
C ASP A 220 -17.01 -17.11 -0.71
N PRO A 221 -17.52 -18.26 -0.21
CA PRO A 221 -18.86 -18.23 0.41
C PRO A 221 -18.91 -17.36 1.66
N VAL A 222 -17.79 -17.24 2.38
CA VAL A 222 -17.75 -16.35 3.53
C VAL A 222 -17.89 -14.90 3.08
N LEU A 223 -17.15 -14.51 2.03
CA LEU A 223 -17.29 -13.15 1.49
C LEU A 223 -18.71 -12.91 1.00
N ALA A 224 -19.31 -13.90 0.34
CA ALA A 224 -20.69 -13.75 -0.13
C ALA A 224 -21.66 -13.52 1.03
N SER A 225 -21.50 -14.27 2.12
CA SER A 225 -22.39 -14.09 3.27
C SER A 225 -22.20 -12.71 3.90
N ILE A 226 -20.96 -12.29 4.08
CA ILE A 226 -20.72 -11.01 4.75
C ILE A 226 -21.18 -9.85 3.87
N ALA A 227 -20.96 -9.96 2.55
CA ALA A 227 -21.39 -8.89 1.65
C ALA A 227 -22.91 -8.69 1.72
N SER A 228 -23.66 -9.78 1.80
CA SER A 228 -25.11 -9.64 1.95
C SER A 228 -25.44 -8.90 3.24
N ARG A 229 -24.73 -9.21 4.32
CA ARG A 229 -24.99 -8.53 5.59
C ARG A 229 -24.65 -7.04 5.51
N VAL A 230 -23.40 -6.73 5.13
CA VAL A 230 -22.99 -5.32 5.01
C VAL A 230 -23.94 -4.55 4.10
N GLY A 231 -24.34 -5.17 2.98
CA GLY A 231 -25.24 -4.48 2.06
C GLY A 231 -26.60 -4.22 2.65
N THR A 232 -27.11 -5.16 3.44
CA THR A 232 -28.37 -4.96 4.15
C THR A 232 -28.27 -3.83 5.15
N THR A 233 -27.17 -3.77 5.89
CA THR A 233 -26.98 -2.69 6.85
C THR A 233 -26.87 -1.34 6.17
N ALA A 234 -26.19 -1.29 5.01
CA ALA A 234 -25.91 -0.04 4.32
C ALA A 234 -27.05 0.43 3.41
N GLY A 235 -27.94 -0.46 3.00
CA GLY A 235 -28.95 -0.09 2.04
C GLY A 235 -28.46 0.01 0.61
N GLN A 236 -27.46 -0.79 0.24
CA GLN A 236 -26.95 -0.79 -1.13
C GLN A 236 -26.26 -2.12 -1.38
N SER A 237 -26.07 -2.45 -2.65
CA SER A 237 -25.41 -3.72 -2.96
C SER A 237 -23.92 -3.63 -2.67
N VAL A 238 -23.38 -4.69 -2.08
CA VAL A 238 -21.97 -4.77 -1.70
C VAL A 238 -21.39 -6.04 -2.31
N SER A 239 -20.18 -5.94 -2.86
CA SER A 239 -19.53 -7.04 -3.55
C SER A 239 -18.56 -7.77 -2.64
N GLU A 240 -18.18 -8.99 -3.05
CA GLU A 240 -17.16 -9.75 -2.34
C GLU A 240 -15.84 -8.99 -2.30
N GLY A 241 -15.51 -8.27 -3.38
CA GLY A 241 -14.29 -7.48 -3.40
C GLY A 241 -14.30 -6.37 -2.35
N GLN A 242 -15.44 -5.70 -2.16
CA GLN A 242 -15.53 -4.66 -1.15
C GLN A 242 -15.37 -5.24 0.25
N VAL A 243 -15.87 -6.46 0.49
CA VAL A 243 -15.66 -7.11 1.78
C VAL A 243 -14.18 -7.35 2.04
N LEU A 244 -13.43 -7.76 1.01
CA LEU A 244 -11.99 -7.94 1.20
C LEU A 244 -11.30 -6.63 1.64
N GLN A 245 -11.77 -5.49 1.15
CA GLN A 245 -11.20 -4.23 1.60
C GLN A 245 -11.66 -3.84 3.01
N LEU A 246 -12.92 -4.13 3.34
CA LEU A 246 -13.40 -3.89 4.70
C LEU A 246 -12.65 -4.74 5.71
N TRP A 247 -12.22 -5.93 5.29
CA TRP A 247 -11.37 -6.75 6.15
C TRP A 247 -10.07 -6.04 6.47
N LEU A 248 -9.46 -5.41 5.45
CA LEU A 248 -8.27 -4.61 5.71
C LEU A 248 -8.59 -3.38 6.56
N ARG A 249 -9.72 -2.71 6.27
CA ARG A 249 -10.09 -1.54 7.06
C ARG A 249 -10.27 -1.90 8.52
N ALA A 250 -10.88 -3.05 8.78
CA ALA A 250 -11.12 -3.49 10.15
C ALA A 250 -9.82 -3.74 10.90
N LYS A 251 -8.77 -4.13 10.20
CA LYS A 251 -7.48 -4.36 10.81
C LYS A 251 -6.61 -3.12 10.88
N GLY A 252 -7.09 -1.98 10.37
CA GLY A 252 -6.30 -0.75 10.36
C GLY A 252 -5.19 -0.72 9.34
N ILE A 253 -5.34 -1.44 8.23
CA ILE A 253 -4.29 -1.66 7.24
C ILE A 253 -4.69 -0.95 5.97
N PRO A 254 -3.98 0.10 5.57
CA PRO A 254 -4.31 0.78 4.30
C PRO A 254 -4.28 -0.19 3.13
N ALA A 255 -5.22 0.01 2.21
CA ALA A 255 -5.40 -0.84 1.05
C ALA A 255 -4.93 -0.09 -0.19
N ILE A 256 -3.90 -0.61 -0.85
CA ILE A 256 -3.46 -0.07 -2.12
C ILE A 256 -4.07 -0.91 -3.22
N THR A 257 -4.88 -0.26 -4.07
CA THR A 257 -5.62 -0.90 -5.15
C THR A 257 -4.95 -0.61 -6.49
N THR A 258 -5.36 -1.37 -7.51
CA THR A 258 -4.75 -1.28 -8.83
C THR A 258 -5.71 -1.18 -10.00
N SER A 259 -6.98 -1.50 -9.84
CA SER A 259 -7.82 -1.53 -11.03
C SER A 259 -8.23 -0.12 -11.45
N SER A 260 -8.34 0.07 -12.77
CA SER A 260 -8.56 1.37 -13.37
C SER A 260 -10.00 1.63 -13.78
N LYS A 261 -10.84 0.60 -13.85
CA LYS A 261 -12.23 0.78 -14.26
C LYS A 261 -12.93 1.75 -13.33
N GLU A 262 -13.55 2.78 -13.90
CA GLU A 262 -14.22 3.77 -13.07
C GLU A 262 -15.27 3.14 -12.17
N GLU A 263 -15.95 2.09 -12.65
CA GLU A 263 -16.95 1.42 -11.83
C GLU A 263 -16.31 0.72 -10.64
N ARG A 264 -15.15 0.08 -10.83
CA ARG A 264 -14.47 -0.52 -9.69
C ARG A 264 -13.86 0.54 -8.79
N ILE A 265 -13.30 1.61 -9.36
CA ILE A 265 -12.77 2.69 -8.51
C ILE A 265 -13.85 3.25 -7.61
N LYS A 266 -15.06 3.45 -8.15
CA LYS A 266 -16.15 3.94 -7.31
C LYS A 266 -16.52 2.92 -6.22
N GLU A 267 -16.43 1.63 -6.52
CA GLU A 267 -16.64 0.61 -5.49
C GLU A 267 -15.62 0.74 -4.36
N TYR A 268 -14.34 0.91 -4.71
CA TYR A 268 -13.30 1.08 -3.70
C TYR A 268 -13.60 2.26 -2.79
N LEU A 269 -13.93 3.40 -3.40
CA LEU A 269 -14.26 4.59 -2.63
C LEU A 269 -15.35 4.31 -1.61
N ALA A 270 -16.37 3.55 -2.01
CA ALA A 270 -17.49 3.28 -1.10
C ALA A 270 -17.03 2.53 0.15
N THR A 271 -16.01 1.68 0.03
CA THR A 271 -15.55 0.91 1.19
C THR A 271 -14.98 1.78 2.28
N GLU A 272 -14.56 3.00 1.93
CA GLU A 272 -14.11 3.94 2.95
C GLU A 272 -15.20 4.21 4.00
N THR A 273 -16.47 4.16 3.59
CA THR A 273 -17.56 4.55 4.48
C THR A 273 -18.67 3.50 4.63
N LEU A 274 -18.51 2.31 4.05
CA LEU A 274 -19.48 1.24 4.29
C LEU A 274 -19.43 0.81 5.77
N PRO A 275 -20.48 0.13 6.25
CA PRO A 275 -20.47 -0.36 7.63
C PRO A 275 -19.33 -1.34 7.85
N GLY A 276 -18.66 -1.21 9.00
CA GLY A 276 -17.51 -2.04 9.28
C GLY A 276 -17.89 -3.48 9.59
N LEU A 277 -16.91 -4.37 9.47
CA LEU A 277 -17.15 -5.77 9.76
C LEU A 277 -17.13 -5.98 11.27
N THR A 278 -17.92 -6.95 11.73
CA THR A 278 -17.92 -7.31 13.15
C THR A 278 -16.76 -8.25 13.46
N PRO A 279 -16.41 -8.38 14.74
CA PRO A 279 -15.43 -9.41 15.14
C PRO A 279 -15.70 -10.80 14.59
N ALA A 280 -16.94 -11.30 14.63
CA ALA A 280 -17.20 -12.62 14.09
C ALA A 280 -16.95 -12.67 12.59
N GLU A 281 -17.21 -11.56 11.88
CA GLU A 281 -17.01 -11.55 10.44
C GLU A 281 -15.52 -11.52 10.09
N VAL A 282 -14.72 -10.70 10.79
CA VAL A 282 -13.27 -10.69 10.55
C VAL A 282 -12.68 -12.07 10.86
N GLN A 283 -13.07 -12.65 12.00
CA GLN A 283 -12.57 -13.98 12.39
C GLN A 283 -12.93 -15.04 11.36
N ALA A 284 -14.16 -14.99 10.82
CA ALA A 284 -14.56 -15.96 9.81
C ALA A 284 -13.72 -15.86 8.56
N ILE A 285 -13.34 -14.64 8.15
CA ILE A 285 -12.47 -14.50 6.99
C ILE A 285 -11.05 -14.98 7.31
N ASP A 286 -10.52 -14.63 8.50
CA ASP A 286 -9.23 -15.17 8.95
C ASP A 286 -9.20 -16.69 8.85
N GLU A 287 -10.23 -17.35 9.40
CA GLU A 287 -10.28 -18.81 9.42
C GLU A 287 -10.35 -19.39 8.02
N ALA A 288 -11.27 -18.88 7.20
CA ALA A 288 -11.44 -19.43 5.86
C ALA A 288 -10.19 -19.20 5.03
N GLY A 289 -9.57 -18.03 5.17
CA GLY A 289 -8.32 -17.76 4.47
C GLY A 289 -7.20 -18.67 4.92
N SER A 290 -7.18 -19.04 6.21
CA SER A 290 -6.15 -19.92 6.75
C SER A 290 -6.25 -21.35 6.24
N LYS A 291 -7.32 -21.69 5.53
CA LYS A 291 -7.41 -23.02 4.92
C LYS A 291 -6.58 -23.16 3.66
N ALA A 292 -6.03 -22.07 3.12
CA ALA A 292 -5.19 -22.14 1.94
C ALA A 292 -4.08 -21.09 2.02
N HIS A 293 -2.90 -21.44 1.51
CA HIS A 293 -1.81 -20.49 1.36
C HIS A 293 -1.64 -20.21 -0.13
N HIS A 294 -1.80 -18.95 -0.51
CA HIS A 294 -1.53 -18.51 -1.90
C HIS A 294 -0.74 -17.21 -1.83
N ARG A 295 0.57 -17.30 -1.97
CA ARG A 295 1.41 -16.11 -2.02
C ARG A 295 1.78 -15.85 -3.47
N VAL A 296 1.36 -14.70 -3.98
CA VAL A 296 1.54 -14.39 -5.41
C VAL A 296 2.85 -13.65 -5.68
N PHE A 297 3.26 -12.75 -4.77
CA PHE A 297 4.45 -11.92 -4.96
C PHE A 297 5.50 -12.24 -3.91
N SER A 298 6.72 -11.72 -4.13
CA SER A 298 7.84 -11.87 -3.20
C SER A 298 7.97 -13.29 -2.67
N LYS A 299 8.10 -14.24 -3.60
CA LYS A 299 8.11 -15.64 -3.23
C LYS A 299 9.27 -16.01 -2.30
N PHE A 300 10.31 -15.17 -2.22
CA PHE A 300 11.41 -15.48 -1.31
C PHE A 300 10.96 -15.57 0.15
N TRP A 301 9.78 -15.02 0.46
CA TRP A 301 9.21 -15.16 1.79
C TRP A 301 8.90 -16.61 2.14
N ASP A 302 8.62 -17.44 1.14
CA ASP A 302 8.31 -18.85 1.35
C ASP A 302 9.56 -19.70 1.21
C1 GOL B . -6.33 -5.34 -4.88
O1 GOL B . -6.69 -4.08 -5.43
C2 GOL B . -5.33 -6.10 -5.73
O2 GOL B . -4.78 -5.29 -6.75
C3 GOL B . -5.85 -7.39 -6.31
O3 GOL B . -5.06 -7.82 -7.40
#